data_6CIV
#
_entry.id   6CIV
#
_entity_poly.entity_id   1
_entity_poly.type   'polypeptide(L)'
_entity_poly.pdbx_seq_one_letter_code
;GRKRRQ(DAB)SMTEFYH
;
_entity_poly.pdbx_strand_id   C
#
# COMPACT_ATOMS: atom_id res chain seq x y z
N GLY A 1 -0.61 10.83 4.07
CA GLY A 1 -2.09 10.74 4.04
C GLY A 1 -2.67 10.56 5.43
N ARG A 2 -3.94 10.88 5.60
CA ARG A 2 -4.60 10.78 6.90
C ARG A 2 -5.32 9.45 7.03
N LYS A 3 -5.42 8.72 5.94
CA LYS A 3 -6.06 7.42 5.95
C LYS A 3 -5.19 6.40 5.23
N ARG A 4 -4.67 5.45 5.97
CA ARG A 4 -3.84 4.41 5.40
C ARG A 4 -4.08 3.08 6.08
N ARG A 5 -4.14 2.02 5.29
CA ARG A 5 -4.29 0.68 5.80
C ARG A 5 -3.51 -0.28 4.92
N GLN A 6 -3.73 -0.17 3.62
CA GLN A 6 -3.00 -0.96 2.67
C GLN A 6 -2.14 -0.04 1.79
N DAB A 7 -0.96 -0.51 1.43
CA DAB A 7 -0.03 0.27 0.65
C DAB A 7 -0.04 -0.21 -0.81
O DAB A 7 1.00 -0.19 -1.48
CB DAB A 7 1.38 0.17 1.25
CG DAB A 7 1.84 -1.24 1.55
ND DAB A 7 2.10 -1.99 0.33
H DAB A 7 -0.72 -1.44 1.70
HA DAB A 7 -0.35 1.29 0.68
HB2 DAB A 7 1.38 0.74 2.18
HB3 DAB A 7 2.07 0.62 0.57
HG2 DAB A 7 1.06 -1.75 2.11
HG3 DAB A 7 2.73 -1.19 2.14
HD1 DAB A 7 1.41 -2.04 -0.35
N SER A 8 -1.23 -0.62 -1.26
CA SER A 8 -1.44 -1.20 -2.59
C SER A 8 -0.84 -2.59 -2.68
N MET A 9 -1.55 -3.48 -3.34
CA MET A 9 -1.05 -4.83 -3.57
C MET A 9 0.07 -4.80 -4.59
N THR A 10 0.29 -3.63 -5.18
CA THR A 10 1.28 -3.48 -6.23
C THR A 10 2.67 -3.46 -5.64
N GLU A 11 2.77 -3.17 -4.35
CA GLU A 11 4.05 -3.13 -3.68
C GLU A 11 4.62 -4.53 -3.51
N PHE A 12 3.75 -5.53 -3.63
CA PHE A 12 4.16 -6.92 -3.50
C PHE A 12 4.67 -7.44 -4.83
N TYR A 13 4.47 -6.66 -5.87
CA TYR A 13 4.95 -7.01 -7.19
C TYR A 13 6.43 -6.66 -7.33
N HIS A 14 6.87 -5.71 -6.49
CA HIS A 14 8.25 -5.24 -6.50
C HIS A 14 8.58 -4.58 -7.84
N GLY A 1 -4.48 11.25 1.56
CA GLY A 1 -4.78 10.37 2.71
C GLY A 1 -3.70 10.46 3.79
N ARG A 2 -4.00 9.89 4.95
CA ARG A 2 -3.06 9.88 6.05
C ARG A 2 -2.99 8.48 6.65
N LYS A 3 -4.14 7.95 7.04
CA LYS A 3 -4.22 6.60 7.56
C LYS A 3 -4.57 5.63 6.43
N ARG A 4 -3.54 5.13 5.75
CA ARG A 4 -3.75 4.24 4.62
C ARG A 4 -3.63 2.79 5.07
N ARG A 5 -4.76 2.10 5.12
CA ARG A 5 -4.80 0.71 5.55
C ARG A 5 -4.22 -0.20 4.47
N GLN A 6 -4.52 0.11 3.22
CA GLN A 6 -4.03 -0.67 2.10
C GLN A 6 -2.86 0.03 1.44
N DAB A 7 -1.68 -0.54 1.60
CA DAB A 7 -0.44 0.07 1.10
C DAB A 7 -0.19 -0.28 -0.37
O DAB A 7 0.94 -0.26 -0.84
CB DAB A 7 0.74 -0.36 1.97
CG DAB A 7 0.92 -1.88 2.07
ND DAB A 7 1.43 -2.46 0.83
H DAB A 7 -1.62 -1.40 2.06
HA DAB A 7 -0.55 1.13 1.19
HB2 DAB A 7 0.60 0.02 2.96
HB3 DAB A 7 1.64 0.05 1.55
HG2 DAB A 7 -0.03 -2.33 2.30
HG3 DAB A 7 1.62 -2.07 2.86
HD1 DAB A 7 0.93 -2.27 0.00
N SER A 8 -1.29 -0.59 -1.08
CA SER A 8 -1.27 -0.96 -2.50
C SER A 8 -0.71 -2.37 -2.70
N MET A 9 -1.30 -3.07 -3.65
CA MET A 9 -0.83 -4.39 -4.04
C MET A 9 0.50 -4.27 -4.78
N THR A 10 0.88 -3.02 -5.08
CA THR A 10 2.08 -2.75 -5.84
C THR A 10 3.32 -2.95 -4.98
N GLU A 11 3.11 -2.95 -3.66
CA GLU A 11 4.22 -3.18 -2.75
C GLU A 11 4.64 -4.65 -2.78
N PHE A 12 3.70 -5.51 -3.18
CA PHE A 12 3.96 -6.94 -3.26
C PHE A 12 4.51 -7.29 -4.64
N TYR A 13 4.03 -6.57 -5.65
CA TYR A 13 4.46 -6.80 -7.02
C TYR A 13 5.83 -6.16 -7.24
N HIS A 14 6.81 -6.99 -7.55
CA HIS A 14 8.16 -6.52 -7.82
C HIS A 14 8.28 -6.10 -9.28
N GLY A 1 -5.50 11.46 12.28
CA GLY A 1 -4.17 11.09 11.72
C GLY A 1 -4.29 10.57 10.30
N ARG A 2 -3.16 10.19 9.72
CA ARG A 2 -3.14 9.66 8.36
C ARG A 2 -3.71 8.26 8.31
N LYS A 3 -4.34 7.93 7.19
CA LYS A 3 -4.90 6.60 6.99
C LYS A 3 -4.32 5.98 5.75
N ARG A 4 -3.82 4.75 5.88
CA ARG A 4 -3.21 4.06 4.77
C ARG A 4 -4.27 3.45 3.87
N ARG A 5 -4.70 4.21 2.88
CA ARG A 5 -5.69 3.72 1.92
C ARG A 5 -5.04 2.79 0.92
N GLN A 6 -3.72 2.88 0.82
CA GLN A 6 -2.96 2.01 -0.05
C GLN A 6 -2.73 0.66 0.62
N DAB A 7 -2.36 -0.33 -0.16
CA DAB A 7 -2.08 -1.66 0.35
C DAB A 7 -0.66 -2.05 0.00
O DAB A 7 -0.35 -3.24 -0.15
CB DAB A 7 -3.09 -2.66 -0.20
CG DAB A 7 -3.21 -2.67 -1.72
ND DAB A 7 -2.04 -3.24 -2.38
H DAB A 7 -2.28 -0.16 -1.14
HA DAB A 7 -2.18 -1.62 1.42
HB2 DAB A 7 -4.07 -2.45 0.21
HB3 DAB A 7 -2.80 -3.66 0.10
HG2 DAB A 7 -3.34 -1.65 -2.05
HG3 DAB A 7 -4.08 -3.24 -1.99
HD1 DAB A 7 -1.16 -2.90 -2.10
N SER A 8 0.20 -1.04 -0.13
CA SER A 8 1.60 -1.19 -0.52
C SER A 8 1.74 -1.55 -2.00
N MET A 9 2.75 -0.99 -2.62
CA MET A 9 3.08 -1.33 -3.99
C MET A 9 3.67 -2.73 -4.04
N THR A 10 3.86 -3.31 -2.86
CA THR A 10 4.48 -4.62 -2.73
C THR A 10 3.47 -5.71 -3.09
N GLU A 11 2.19 -5.36 -3.10
CA GLU A 11 1.17 -6.29 -3.54
C GLU A 11 1.22 -6.42 -5.06
N PHE A 12 1.73 -5.38 -5.71
CA PHE A 12 1.85 -5.35 -7.16
C PHE A 12 3.23 -5.83 -7.58
N TYR A 13 4.24 -5.07 -7.20
CA TYR A 13 5.61 -5.36 -7.57
C TYR A 13 6.19 -6.42 -6.64
N HIS A 14 7.12 -7.22 -7.15
CA HIS A 14 7.69 -8.32 -6.38
C HIS A 14 9.13 -8.55 -6.80
N GLY A 1 1.50 4.02 7.56
CA GLY A 1 0.14 4.14 8.12
C GLY A 1 -0.93 3.81 7.11
N ARG A 2 -2.19 3.96 7.51
CA ARG A 2 -3.31 3.65 6.63
C ARG A 2 -4.22 4.87 6.49
N LYS A 3 -3.62 6.05 6.46
CA LYS A 3 -4.38 7.29 6.43
C LYS A 3 -4.69 7.73 5.00
N ARG A 4 -3.76 7.50 4.09
CA ARG A 4 -3.95 7.94 2.70
C ARG A 4 -3.73 6.79 1.72
N ARG A 5 -2.69 6.01 1.93
CA ARG A 5 -2.37 4.91 1.04
C ARG A 5 -1.81 3.72 1.80
N GLN A 6 -2.52 2.61 1.71
CA GLN A 6 -2.04 1.34 2.23
C GLN A 6 -2.83 0.21 1.58
N DAB A 7 -2.75 0.16 0.26
CA DAB A 7 -3.38 -0.91 -0.51
C DAB A 7 -2.55 -2.19 -0.40
O DAB A 7 -1.65 -2.26 0.43
CB DAB A 7 -3.58 -0.48 -1.97
CG DAB A 7 -2.38 0.20 -2.60
ND DAB A 7 -1.27 -0.72 -2.88
H DAB A 7 -2.28 0.86 -0.21
HA DAB A 7 -4.35 -1.11 -0.07
HB2 DAB A 7 -4.40 0.21 -2.00
HB3 DAB A 7 -3.82 -1.34 -2.56
HG2 DAB A 7 -2.02 0.98 -1.94
HG3 DAB A 7 -2.69 0.65 -3.53
HD1 DAB A 7 -1.09 -1.43 -2.24
N SER A 8 -2.86 -3.19 -1.23
CA SER A 8 -2.09 -4.44 -1.28
C SER A 8 -0.60 -4.19 -1.14
N MET A 9 0.03 -4.89 -0.19
CA MET A 9 1.48 -4.78 -0.03
C MET A 9 2.18 -5.42 -1.21
N THR A 10 1.45 -6.26 -1.92
CA THR A 10 1.98 -6.93 -3.10
C THR A 10 2.06 -5.95 -4.26
N GLU A 11 1.34 -4.84 -4.16
CA GLU A 11 1.40 -3.81 -5.18
C GLU A 11 2.75 -3.11 -5.10
N PHE A 12 3.32 -3.10 -3.90
CA PHE A 12 4.60 -2.46 -3.65
C PHE A 12 5.73 -3.45 -3.91
N TYR A 13 5.63 -4.14 -5.03
CA TYR A 13 6.61 -5.13 -5.43
C TYR A 13 6.50 -5.34 -6.94
N HIS A 14 6.17 -4.25 -7.62
CA HIS A 14 5.96 -4.25 -9.06
C HIS A 14 6.33 -2.90 -9.62
N GLY A 1 -0.79 12.69 8.86
CA GLY A 1 -0.40 11.85 7.69
C GLY A 1 -1.40 10.75 7.42
N ARG A 2 -2.37 11.04 6.55
CA ARG A 2 -3.40 10.07 6.23
C ARG A 2 -2.87 9.04 5.25
N LYS A 3 -2.31 7.96 5.78
CA LYS A 3 -1.72 6.91 4.97
C LYS A 3 -2.71 5.79 4.70
N ARG A 4 -2.37 4.92 3.78
CA ARG A 4 -3.22 3.80 3.43
C ARG A 4 -2.35 2.55 3.26
N ARG A 5 -2.33 1.70 4.27
CA ARG A 5 -1.56 0.46 4.20
C ARG A 5 -2.32 -0.58 3.39
N GLN A 6 -3.64 -0.45 3.36
CA GLN A 6 -4.48 -1.32 2.57
C GLN A 6 -4.62 -0.76 1.15
N DAB A 7 -3.54 -0.92 0.40
CA DAB A 7 -3.47 -0.45 -0.98
C DAB A 7 -2.92 -1.55 -1.88
O DAB A 7 -2.26 -1.26 -2.88
CB DAB A 7 -2.61 0.81 -1.06
CG DAB A 7 -1.27 0.69 -0.36
ND DAB A 7 -0.34 -0.21 -1.05
H DAB A 7 -2.76 -1.39 0.77
HA DAB A 7 -4.47 -0.20 -1.30
HB2 DAB A 7 -3.15 1.63 -0.61
HB3 DAB A 7 -2.43 1.04 -2.10
HG2 DAB A 7 -1.44 0.32 0.64
HG3 DAB A 7 -0.83 1.67 -0.30
HD1 DAB A 7 -0.66 -1.09 -1.30
N SER A 8 -3.20 -2.79 -1.49
CA SER A 8 -2.68 -3.99 -2.13
C SER A 8 -1.22 -4.20 -1.77
N MET A 9 -0.88 -5.45 -1.50
CA MET A 9 0.50 -5.84 -1.25
C MET A 9 1.30 -5.74 -2.55
N THR A 10 0.59 -5.47 -3.64
CA THR A 10 1.19 -5.40 -4.96
C THR A 10 2.00 -4.12 -5.12
N GLU A 11 1.69 -3.14 -4.30
CA GLU A 11 2.39 -1.86 -4.35
C GLU A 11 3.80 -2.00 -3.79
N PHE A 12 4.02 -3.09 -3.05
CA PHE A 12 5.32 -3.36 -2.47
C PHE A 12 6.15 -4.25 -3.38
N TYR A 13 5.47 -5.14 -4.10
CA TYR A 13 6.15 -6.03 -5.04
C TYR A 13 6.38 -5.35 -6.38
N HIS A 14 7.48 -4.61 -6.47
CA HIS A 14 7.89 -3.93 -7.70
C HIS A 14 6.83 -2.92 -8.13
N GLY A 1 -0.98 12.54 6.92
CA GLY A 1 -1.09 12.29 5.46
C GLY A 1 -2.00 11.11 5.17
N ARG A 2 -1.64 10.31 4.18
CA ARG A 2 -2.43 9.15 3.82
C ARG A 2 -1.85 7.89 4.44
N LYS A 3 -2.55 7.35 5.43
CA LYS A 3 -2.13 6.09 6.03
C LYS A 3 -2.57 4.93 5.16
N ARG A 4 -1.82 4.70 4.08
CA ARG A 4 -2.14 3.65 3.12
C ARG A 4 -1.72 2.28 3.66
N ARG A 5 -2.50 1.77 4.59
CA ARG A 5 -2.21 0.51 5.25
C ARG A 5 -2.93 -0.64 4.58
N GLN A 6 -3.89 -0.32 3.71
CA GLN A 6 -4.72 -1.34 3.08
C GLN A 6 -4.80 -1.10 1.57
N DAB A 7 -3.66 -0.78 0.96
CA DAB A 7 -3.62 -0.52 -0.47
C DAB A 7 -3.08 -1.72 -1.22
O DAB A 7 -2.88 -2.79 -0.63
CB DAB A 7 -2.80 0.75 -0.76
CG DAB A 7 -1.39 0.76 -0.17
ND DAB A 7 -0.44 -0.05 -0.94
H DAB A 7 -2.84 -0.75 1.49
HA DAB A 7 -4.62 -0.34 -0.79
HB2 DAB A 7 -3.32 1.61 -0.36
HB3 DAB A 7 -2.71 0.88 -1.83
HG2 DAB A 7 -1.44 0.39 0.83
HG3 DAB A 7 -1.04 1.78 -0.16
HD1 DAB A 7 -0.68 -0.98 -1.14
N SER A 8 -2.86 -1.56 -2.53
CA SER A 8 -2.39 -2.63 -3.39
C SER A 8 -1.20 -3.37 -2.77
N MET A 9 -1.23 -4.70 -2.88
CA MET A 9 -0.12 -5.53 -2.44
C MET A 9 1.08 -5.30 -3.36
N THR A 10 0.77 -5.04 -4.63
CA THR A 10 1.82 -4.85 -5.63
C THR A 10 2.43 -3.46 -5.53
N GLU A 11 1.89 -2.63 -4.64
CA GLU A 11 2.46 -1.29 -4.44
C GLU A 11 3.79 -1.43 -3.70
N PHE A 12 3.93 -2.52 -2.96
CA PHE A 12 5.15 -2.82 -2.25
C PHE A 12 6.03 -3.74 -3.09
N TYR A 13 5.57 -4.97 -3.25
CA TYR A 13 6.30 -5.98 -3.97
C TYR A 13 6.08 -5.86 -5.47
N HIS A 14 6.91 -5.06 -6.12
CA HIS A 14 6.84 -4.91 -7.57
C HIS A 14 7.64 -6.02 -8.24
N GLY A 1 -4.91 5.01 7.67
CA GLY A 1 -4.42 5.87 8.79
C GLY A 1 -3.21 6.69 8.37
N ARG A 2 -2.04 6.27 8.85
CA ARG A 2 -0.79 6.95 8.48
C ARG A 2 -0.57 6.82 6.98
N LYS A 3 -0.75 5.61 6.48
CA LYS A 3 -0.65 5.35 5.06
C LYS A 3 -1.97 5.67 4.36
N ARG A 4 -1.89 6.28 3.19
CA ARG A 4 -3.07 6.52 2.38
C ARG A 4 -3.13 5.52 1.23
N ARG A 5 -4.33 5.02 0.96
CA ARG A 5 -4.51 3.91 0.02
C ARG A 5 -3.76 2.69 0.54
N GLN A 6 -4.26 2.15 1.66
CA GLN A 6 -3.63 1.01 2.31
C GLN A 6 -4.04 -0.28 1.63
N DAB A 7 -3.71 -0.38 0.35
CA DAB A 7 -4.02 -1.56 -0.44
C DAB A 7 -2.94 -2.61 -0.28
O DAB A 7 -2.07 -2.48 0.59
CB DAB A 7 -4.23 -1.18 -1.91
CG DAB A 7 -3.15 -0.29 -2.51
ND DAB A 7 -1.94 -1.03 -2.86
H DAB A 7 -3.24 0.37 -0.07
HA DAB A 7 -4.94 -1.96 -0.06
HB2 DAB A 7 -5.18 -0.65 -2.00
HB3 DAB A 7 -4.28 -2.08 -2.50
HG2 DAB A 7 -2.89 0.48 -1.80
HG3 DAB A 7 -3.54 0.16 -3.40
HD1 DAB A 7 -1.58 -1.67 -2.22
N SER A 8 -3.01 -3.66 -1.09
CA SER A 8 -1.98 -4.71 -1.10
C SER A 8 -0.59 -4.13 -1.05
N MET A 9 0.25 -4.68 -0.19
CA MET A 9 1.64 -4.23 -0.12
C MET A 9 2.41 -4.73 -1.33
N THR A 10 1.95 -5.82 -1.93
CA THR A 10 2.59 -6.37 -3.10
C THR A 10 2.22 -5.60 -4.35
N GLU A 11 1.32 -4.62 -4.22
CA GLU A 11 1.00 -3.73 -5.32
C GLU A 11 2.17 -2.77 -5.57
N PHE A 12 2.93 -2.54 -4.51
CA PHE A 12 4.08 -1.63 -4.56
C PHE A 12 5.34 -2.40 -4.91
N TYR A 13 5.53 -3.53 -4.24
CA TYR A 13 6.72 -4.34 -4.42
C TYR A 13 6.62 -5.18 -5.70
N HIS A 14 7.50 -4.90 -6.64
CA HIS A 14 7.53 -5.60 -7.90
C HIS A 14 8.93 -5.56 -8.48
N GLY A 1 -4.90 10.18 13.45
CA GLY A 1 -4.93 10.71 12.06
C GLY A 1 -5.11 9.61 11.03
N ARG A 2 -4.04 8.86 10.78
CA ARG A 2 -4.06 7.72 9.87
C ARG A 2 -4.59 8.11 8.49
N LYS A 3 -4.05 9.19 7.93
CA LYS A 3 -4.43 9.63 6.61
C LYS A 3 -3.57 8.96 5.55
N ARG A 4 -3.69 7.64 5.46
CA ARG A 4 -2.94 6.85 4.51
C ARG A 4 -3.76 5.65 4.06
N ARG A 5 -3.84 5.45 2.75
CA ARG A 5 -4.56 4.32 2.19
C ARG A 5 -3.59 3.27 1.69
N GLN A 6 -3.52 2.15 2.40
CA GLN A 6 -2.62 1.08 2.04
C GLN A 6 -3.21 0.23 0.93
N DAB A 7 -2.36 -0.53 0.25
CA DAB A 7 -2.80 -1.40 -0.82
C DAB A 7 -2.00 -2.70 -0.80
O DAB A 7 -1.25 -2.95 0.15
CB DAB A 7 -2.67 -0.68 -2.17
CG DAB A 7 -1.32 -0.05 -2.41
ND DAB A 7 -0.33 -1.01 -2.90
H DAB A 7 -1.41 -0.50 0.49
HA DAB A 7 -3.83 -1.63 -0.65
HB2 DAB A 7 -3.42 0.11 -2.21
HB3 DAB A 7 -2.86 -1.38 -2.97
HG2 DAB A 7 -0.96 0.37 -1.48
HG3 DAB A 7 -1.42 0.73 -3.14
HD1 DAB A 7 -0.19 -1.83 -2.38
N SER A 8 -2.17 -3.53 -1.83
CA SER A 8 -1.45 -4.80 -1.92
C SER A 8 0.04 -4.63 -1.69
N MET A 9 0.63 -5.54 -0.94
CA MET A 9 2.07 -5.53 -0.73
C MET A 9 2.78 -5.96 -1.99
N THR A 10 2.12 -6.80 -2.78
CA THR A 10 2.68 -7.26 -4.04
C THR A 10 2.50 -6.24 -5.15
N GLU A 11 1.90 -5.09 -4.82
CA GLU A 11 1.82 -4.00 -5.78
C GLU A 11 3.21 -3.36 -5.92
N PHE A 12 4.03 -3.58 -4.90
CA PHE A 12 5.38 -3.05 -4.87
C PHE A 12 6.35 -4.02 -5.53
N TYR A 13 6.11 -5.30 -5.33
CA TYR A 13 6.93 -6.32 -5.95
C TYR A 13 6.51 -6.53 -7.39
N HIS A 14 7.40 -7.02 -8.22
CA HIS A 14 7.12 -7.23 -9.63
C HIS A 14 6.42 -8.57 -9.83
N GLY A 1 0.20 12.60 4.94
CA GLY A 1 -0.59 12.75 6.20
C GLY A 1 -1.12 11.41 6.67
N ARG A 2 -2.43 11.34 6.90
CA ARG A 2 -3.05 10.10 7.34
C ARG A 2 -3.42 9.23 6.15
N LYS A 3 -2.65 8.18 5.95
CA LYS A 3 -2.89 7.27 4.84
C LYS A 3 -2.35 5.88 5.17
N ARG A 4 -3.24 5.00 5.62
CA ARG A 4 -2.88 3.62 5.84
C ARG A 4 -2.68 2.94 4.49
N ARG A 5 -1.71 2.05 4.40
CA ARG A 5 -1.41 1.38 3.15
C ARG A 5 -2.28 0.13 2.99
N GLN A 6 -3.57 0.35 2.90
CA GLN A 6 -4.54 -0.72 2.72
C GLN A 6 -4.81 -0.94 1.24
N DAB A 7 -3.74 -0.91 0.47
CA DAB A 7 -3.83 -1.02 -0.98
C DAB A 7 -3.26 -2.35 -1.45
O DAB A 7 -2.99 -3.23 -0.62
CB DAB A 7 -3.11 0.17 -1.63
CG DAB A 7 -1.71 0.41 -1.09
ND DAB A 7 -0.71 -0.46 -1.69
H DAB A 7 -2.86 -0.84 0.89
HA DAB A 7 -4.87 -0.98 -1.25
HB2 DAB A 7 -3.69 1.05 -1.48
HB3 DAB A 7 -3.04 -0.01 -2.69
HG2 DAB A 7 -1.73 0.25 -0.03
HG3 DAB A 7 -1.45 1.43 -1.30
HD1 DAB A 7 -0.92 -1.41 -1.79
N SER A 8 -3.11 -2.50 -2.76
CA SER A 8 -2.52 -3.70 -3.35
C SER A 8 -1.24 -4.10 -2.62
N MET A 9 -1.09 -5.39 -2.37
CA MET A 9 0.14 -5.90 -1.78
C MET A 9 1.23 -5.90 -2.84
N THR A 10 0.82 -5.90 -4.09
CA THR A 10 1.72 -5.89 -5.21
C THR A 10 2.34 -4.51 -5.40
N GLU A 11 1.78 -3.51 -4.73
CA GLU A 11 2.32 -2.15 -4.81
C GLU A 11 3.69 -2.09 -4.12
N PHE A 12 3.92 -3.05 -3.24
CA PHE A 12 5.18 -3.15 -2.51
C PHE A 12 6.17 -3.99 -3.30
N TYR A 13 5.65 -4.98 -4.00
CA TYR A 13 6.50 -5.95 -4.69
C TYR A 13 7.02 -5.39 -6.01
N HIS A 14 6.21 -4.59 -6.68
CA HIS A 14 6.61 -4.01 -7.95
C HIS A 14 5.92 -2.67 -8.14
N GLY A 1 -4.39 7.97 1.71
CA GLY A 1 -3.70 8.91 2.62
C GLY A 1 -2.76 8.19 3.57
N ARG A 2 -2.07 8.94 4.42
CA ARG A 2 -1.15 8.35 5.38
C ARG A 2 -1.91 7.51 6.41
N LYS A 3 -3.12 7.93 6.72
CA LYS A 3 -3.98 7.20 7.64
C LYS A 3 -4.43 5.88 7.02
N ARG A 4 -3.73 4.80 7.37
CA ARG A 4 -4.00 3.47 6.82
C ARG A 4 -3.81 3.48 5.30
N ARG A 5 -2.55 3.48 4.88
CA ARG A 5 -2.20 3.55 3.47
C ARG A 5 -2.14 2.15 2.85
N GLN A 6 -3.22 1.39 3.00
CA GLN A 6 -3.28 0.06 2.43
C GLN A 6 -3.60 0.14 0.94
N DAB A 7 -2.56 0.22 0.14
CA DAB A 7 -2.71 0.39 -1.31
C DAB A 7 -2.37 -0.89 -2.05
O DAB A 7 -1.82 -0.85 -3.15
CB DAB A 7 -1.81 1.54 -1.80
CG DAB A 7 -0.38 1.47 -1.33
ND DAB A 7 0.35 0.30 -1.83
H DAB A 7 -1.66 0.16 0.51
HA DAB A 7 -3.73 0.64 -1.51
HB2 DAB A 7 -2.24 2.48 -1.46
HB3 DAB A 7 -1.82 1.53 -2.88
HG2 DAB A 7 -0.36 1.44 -0.25
HG3 DAB A 7 0.14 2.35 -1.67
HD1 DAB A 7 0.01 -0.59 -1.58
N SER A 8 -2.73 -2.03 -1.44
CA SER A 8 -2.35 -3.34 -1.94
C SER A 8 -0.91 -3.66 -1.55
N MET A 9 -0.73 -4.80 -0.89
CA MET A 9 0.60 -5.27 -0.50
C MET A 9 1.41 -5.61 -1.75
N THR A 10 0.70 -5.91 -2.83
CA THR A 10 1.34 -6.31 -4.07
C THR A 10 1.95 -5.11 -4.81
N GLU A 11 1.67 -3.91 -4.31
CA GLU A 11 2.24 -2.70 -4.90
C GLU A 11 3.73 -2.63 -4.59
N PHE A 12 4.14 -3.39 -3.59
CA PHE A 12 5.54 -3.42 -3.19
C PHE A 12 6.32 -4.42 -4.04
N TYR A 13 5.60 -5.34 -4.66
CA TYR A 13 6.20 -6.33 -5.52
C TYR A 13 6.46 -5.71 -6.90
N HIS A 14 7.71 -5.72 -7.33
CA HIS A 14 8.05 -5.17 -8.63
C HIS A 14 7.84 -6.24 -9.71
N GLY A 1 -4.80 7.75 6.57
CA GLY A 1 -3.82 8.66 7.20
C GLY A 1 -2.83 9.19 6.19
N ARG A 2 -1.55 8.94 6.44
CA ARG A 2 -0.51 9.35 5.50
C ARG A 2 -0.14 8.20 4.59
N LYS A 3 0.15 7.05 5.19
CA LYS A 3 0.52 5.86 4.45
C LYS A 3 -0.69 4.96 4.26
N ARG A 4 -1.09 4.80 3.01
CA ARG A 4 -2.27 4.00 2.68
C ARG A 4 -2.01 2.53 2.98
N ARG A 5 -2.79 1.97 3.89
CA ARG A 5 -2.67 0.57 4.26
C ARG A 5 -3.41 -0.31 3.27
N GLN A 6 -4.68 0.01 3.04
CA GLN A 6 -5.51 -0.76 2.14
C GLN A 6 -5.32 -0.32 0.70
N DAB A 7 -4.17 -0.68 0.15
CA DAB A 7 -3.86 -0.44 -1.25
C DAB A 7 -3.19 -1.67 -1.85
O DAB A 7 -2.45 -1.58 -2.83
CB DAB A 7 -2.97 0.79 -1.39
CG DAB A 7 -1.70 0.75 -0.57
ND DAB A 7 -0.72 -0.17 -1.14
H DAB A 7 -3.50 -1.13 0.72
HA DAB A 7 -4.78 -0.27 -1.76
HB2 DAB A 7 -3.54 1.66 -1.08
HB3 DAB A 7 -2.71 0.91 -2.42
HG2 DAB A 7 -1.95 0.43 0.44
HG3 DAB A 7 -1.28 1.73 -0.54
HD1 DAB A 7 -0.96 -1.12 -1.19
N SER A 8 -3.48 -2.82 -1.23
CA SER A 8 -2.89 -4.11 -1.58
C SER A 8 -1.42 -4.17 -1.16
N MET A 9 -1.02 -5.32 -0.64
CA MET A 9 0.38 -5.53 -0.27
C MET A 9 1.24 -5.61 -1.53
N THR A 10 0.60 -5.74 -2.68
CA THR A 10 1.31 -5.95 -3.92
C THR A 10 1.86 -4.64 -4.46
N GLU A 11 1.45 -3.53 -3.85
CA GLU A 11 1.93 -2.22 -4.25
C GLU A 11 3.39 -2.05 -3.84
N PHE A 12 3.83 -2.87 -2.89
CA PHE A 12 5.19 -2.78 -2.38
C PHE A 12 6.13 -3.61 -3.25
N TYR A 13 5.54 -4.36 -4.16
CA TYR A 13 6.30 -5.16 -5.11
C TYR A 13 6.70 -4.29 -6.32
N HIS A 14 6.12 -3.09 -6.37
CA HIS A 14 6.37 -2.17 -7.47
C HIS A 14 7.66 -1.38 -7.22
N GLY A 1 -6.43 10.07 9.41
CA GLY A 1 -5.64 9.06 10.16
C GLY A 1 -4.42 8.61 9.40
N ARG A 2 -3.76 7.57 9.90
CA ARG A 2 -2.58 7.02 9.24
C ARG A 2 -2.98 6.16 8.05
N LYS A 3 -4.21 5.65 8.11
CA LYS A 3 -4.76 4.86 7.01
C LYS A 3 -5.18 5.76 5.87
N ARG A 4 -4.22 6.21 5.08
CA ARG A 4 -4.51 7.07 3.96
C ARG A 4 -4.80 6.25 2.72
N ARG A 5 -3.88 5.35 2.39
CA ARG A 5 -4.04 4.50 1.22
C ARG A 5 -3.16 3.25 1.37
N GLN A 6 -3.68 2.25 2.05
CA GLN A 6 -2.96 1.00 2.25
C GLN A 6 -3.08 0.13 1.00
N DAB A 7 -2.25 0.41 0.02
CA DAB A 7 -2.30 -0.32 -1.25
C DAB A 7 -1.38 -1.53 -1.21
O DAB A 7 -1.25 -2.25 -2.20
CB DAB A 7 -1.96 0.61 -2.41
CG DAB A 7 -0.51 1.08 -2.48
ND DAB A 7 0.36 0.03 -2.97
H DAB A 7 -1.57 1.11 0.14
HA DAB A 7 -3.31 -0.66 -1.37
HB2 DAB A 7 -2.59 1.49 -2.35
HB3 DAB A 7 -2.18 0.09 -3.34
HG2 DAB A 7 -0.20 1.37 -1.49
HG3 DAB A 7 -0.46 1.92 -3.13
HD1 DAB A 7 0.51 -0.75 -2.41
N SER A 8 -0.74 -1.73 -0.05
CA SER A 8 0.18 -2.85 0.20
C SER A 8 1.49 -2.65 -0.54
N MET A 9 2.57 -3.15 0.06
CA MET A 9 3.87 -3.13 -0.57
C MET A 9 3.93 -4.18 -1.68
N THR A 10 2.90 -5.04 -1.73
CA THR A 10 2.85 -6.07 -2.75
C THR A 10 2.38 -5.51 -4.08
N GLU A 11 2.05 -4.21 -4.11
CA GLU A 11 1.78 -3.54 -5.37
C GLU A 11 3.09 -3.29 -6.12
N PHE A 12 4.17 -3.25 -5.36
CA PHE A 12 5.51 -3.08 -5.92
C PHE A 12 6.21 -4.43 -6.04
N TYR A 13 5.44 -5.49 -6.19
CA TYR A 13 5.99 -6.83 -6.21
C TYR A 13 5.04 -7.78 -6.95
N HIS A 14 5.57 -8.45 -7.97
CA HIS A 14 4.78 -9.37 -8.80
C HIS A 14 3.70 -8.60 -9.56
N GLY A 1 5.24 5.34 3.54
CA GLY A 1 4.65 6.69 3.52
C GLY A 1 3.17 6.68 3.78
N ARG A 2 2.37 6.95 2.75
CA ARG A 2 0.92 6.98 2.88
C ARG A 2 0.38 5.59 3.15
N LYS A 3 -0.19 5.40 4.33
CA LYS A 3 -0.72 4.12 4.73
C LYS A 3 -2.13 4.28 5.28
N ARG A 4 -3.00 4.87 4.47
CA ARG A 4 -4.37 5.14 4.88
C ARG A 4 -5.35 4.21 4.17
N ARG A 5 -4.90 3.64 3.06
CA ARG A 5 -5.72 2.74 2.27
C ARG A 5 -5.16 1.33 2.30
N GLN A 6 -6.05 0.35 2.38
CA GLN A 6 -5.65 -1.06 2.37
C GLN A 6 -5.47 -1.53 0.93
N DAB A 7 -4.52 -0.94 0.23
CA DAB A 7 -4.31 -1.22 -1.17
C DAB A 7 -3.20 -2.25 -1.38
O DAB A 7 -2.75 -2.49 -2.50
CB DAB A 7 -4.00 0.07 -1.92
CG DAB A 7 -2.70 0.75 -1.53
ND DAB A 7 -1.54 0.06 -2.10
H DAB A 7 -3.93 -0.30 0.69
HA DAB A 7 -5.23 -1.63 -1.56
HB2 DAB A 7 -4.81 0.78 -1.75
HB3 DAB A 7 -3.95 -0.14 -2.98
HG2 DAB A 7 -2.61 0.75 -0.45
HG3 DAB A 7 -2.72 1.76 -1.88
HD1 DAB A 7 -1.36 -0.85 -1.79
N SER A 8 -2.78 -2.86 -0.26
CA SER A 8 -1.70 -3.86 -0.23
C SER A 8 -0.34 -3.24 -0.48
N MET A 9 0.68 -3.79 0.16
CA MET A 9 2.04 -3.34 -0.06
C MET A 9 2.55 -3.86 -1.41
N THR A 10 1.76 -4.74 -2.02
CA THR A 10 2.14 -5.32 -3.30
C THR A 10 1.83 -4.36 -4.44
N GLU A 11 1.21 -3.22 -4.12
CA GLU A 11 1.01 -2.18 -5.12
C GLU A 11 2.34 -1.48 -5.41
N PHE A 12 3.26 -1.60 -4.46
CA PHE A 12 4.60 -1.07 -4.63
C PHE A 12 5.51 -2.15 -5.20
N TYR A 13 5.02 -3.40 -5.13
CA TYR A 13 5.74 -4.57 -5.61
C TYR A 13 7.01 -4.81 -4.81
N HIS A 14 7.04 -4.27 -3.60
CA HIS A 14 8.18 -4.47 -2.71
C HIS A 14 7.99 -5.75 -1.90
N GLY A 1 -0.37 10.31 8.91
CA GLY A 1 0.74 10.12 7.94
C GLY A 1 0.40 9.09 6.88
N ARG A 2 0.09 7.88 7.31
CA ARG A 2 -0.25 6.80 6.40
C ARG A 2 -1.71 6.89 5.98
N LYS A 3 -1.96 7.66 4.93
CA LYS A 3 -3.31 7.87 4.44
C LYS A 3 -3.83 6.64 3.72
N ARG A 4 -2.98 6.05 2.88
CA ARG A 4 -3.36 4.88 2.11
C ARG A 4 -2.24 3.84 2.11
N ARG A 5 -2.17 3.05 3.18
CA ARG A 5 -1.22 1.96 3.24
C ARG A 5 -1.95 0.63 3.09
N GLN A 6 -3.20 0.60 3.54
CA GLN A 6 -4.01 -0.60 3.43
C GLN A 6 -4.59 -0.71 2.02
N DAB A 7 -3.75 -1.19 1.12
CA DAB A 7 -4.14 -1.42 -0.25
C DAB A 7 -3.52 -2.71 -0.74
O DAB A 7 -2.99 -3.47 0.08
CB DAB A 7 -3.74 -0.22 -1.14
CG DAB A 7 -2.32 0.27 -0.90
ND DAB A 7 -1.31 -0.56 -1.55
H DAB A 7 -2.83 -1.40 1.39
HA DAB A 7 -5.22 -1.52 -0.29
HB2 DAB A 7 -4.42 0.60 -0.93
HB3 DAB A 7 -3.84 -0.50 -2.17
HG2 DAB A 7 -2.14 0.27 0.17
HG3 DAB A 7 -2.25 1.27 -1.27
HD1 DAB A 7 -1.38 -1.54 -1.45
N SER A 8 -3.58 -2.98 -2.05
CA SER A 8 -2.95 -4.17 -2.62
C SER A 8 -1.55 -4.38 -2.07
N MET A 9 -1.27 -5.59 -1.64
CA MET A 9 0.06 -5.95 -1.17
C MET A 9 1.03 -5.91 -2.35
N THR A 10 0.52 -6.20 -3.54
CA THR A 10 1.35 -6.21 -4.73
C THR A 10 1.59 -4.81 -5.26
N GLU A 11 1.02 -3.81 -4.58
CA GLU A 11 1.30 -2.42 -4.94
C GLU A 11 2.73 -2.08 -4.49
N PHE A 12 3.19 -2.80 -3.49
CA PHE A 12 4.54 -2.62 -2.96
C PHE A 12 5.50 -3.56 -3.68
N TYR A 13 5.43 -3.55 -5.01
CA TYR A 13 6.20 -4.47 -5.84
C TYR A 13 7.63 -3.98 -5.97
N HIS A 14 8.48 -4.44 -5.04
CA HIS A 14 9.88 -4.01 -5.02
C HIS A 14 10.69 -4.83 -6.02
N GLY A 1 -4.07 8.55 1.10
CA GLY A 1 -4.29 9.62 2.09
C GLY A 1 -3.18 9.66 3.14
N ARG A 2 -3.48 10.23 4.30
CA ARG A 2 -2.49 10.40 5.34
C ARG A 2 -2.29 9.11 6.14
N LYS A 3 -3.35 8.35 6.30
CA LYS A 3 -3.28 7.09 7.02
C LYS A 3 -3.77 5.95 6.14
N ARG A 4 -2.92 4.96 5.91
CA ARG A 4 -3.24 3.88 4.99
C ARG A 4 -2.52 2.60 5.36
N ARG A 5 -3.29 1.59 5.74
CA ARG A 5 -2.75 0.25 5.93
C ARG A 5 -2.97 -0.55 4.67
N GLN A 6 -4.03 -0.20 3.94
CA GLN A 6 -4.32 -0.80 2.66
C GLN A 6 -3.77 0.08 1.55
N DAB A 7 -2.74 -0.43 0.88
CA DAB A 7 -2.09 0.32 -0.19
C DAB A 7 -1.86 -0.58 -1.39
O DAB A 7 -0.94 -0.35 -2.18
CB DAB A 7 -0.78 0.92 0.32
CG DAB A 7 0.18 -0.09 0.94
ND DAB A 7 0.80 -0.94 -0.07
H DAB A 7 -2.41 -1.32 1.12
HA DAB A 7 -2.75 1.12 -0.48
HB2 DAB A 7 -1.00 1.67 1.06
HB3 DAB A 7 -0.27 1.39 -0.51
HG2 DAB A 7 -0.37 -0.70 1.64
HG3 DAB A 7 0.94 0.45 1.47
HD1 DAB A 7 0.21 -1.44 -0.67
N SER A 8 -2.69 -1.61 -1.50
CA SER A 8 -2.62 -2.62 -2.56
C SER A 8 -1.43 -3.55 -2.33
N MET A 9 -1.64 -4.83 -2.59
CA MET A 9 -0.58 -5.82 -2.52
C MET A 9 0.41 -5.60 -3.66
N THR A 10 0.07 -4.70 -4.58
CA THR A 10 0.86 -4.44 -5.75
C THR A 10 2.06 -3.57 -5.41
N GLU A 11 2.03 -2.96 -4.24
CA GLU A 11 3.16 -2.16 -3.79
C GLU A 11 4.33 -3.05 -3.40
N PHE A 12 4.02 -4.32 -3.17
CA PHE A 12 5.03 -5.29 -2.78
C PHE A 12 5.65 -5.94 -4.02
N TYR A 13 5.07 -5.65 -5.18
CA TYR A 13 5.55 -6.18 -6.44
C TYR A 13 6.74 -5.36 -6.92
N HIS A 14 7.93 -5.81 -6.58
CA HIS A 14 9.16 -5.14 -6.99
C HIS A 14 10.30 -6.14 -7.02
N GLY A 1 -5.92 9.38 9.58
CA GLY A 1 -4.54 9.21 10.06
C GLY A 1 -3.54 9.35 8.95
N ARG A 2 -2.29 9.00 9.23
CA ARG A 2 -1.23 9.08 8.22
C ARG A 2 -1.46 8.03 7.15
N LYS A 3 -1.65 6.79 7.57
CA LYS A 3 -1.88 5.70 6.65
C LYS A 3 -3.36 5.64 6.25
N ARG A 4 -3.74 6.46 5.29
CA ARG A 4 -5.10 6.45 4.77
C ARG A 4 -5.13 5.72 3.43
N ARG A 5 -4.09 5.93 2.64
CA ARG A 5 -3.97 5.29 1.33
C ARG A 5 -3.17 4.00 1.46
N GLN A 6 -3.87 2.88 1.52
CA GLN A 6 -3.22 1.60 1.69
C GLN A 6 -3.82 0.56 0.75
N DAB A 7 -2.94 -0.21 0.13
CA DAB A 7 -3.36 -1.30 -0.75
C DAB A 7 -2.48 -2.51 -0.55
O DAB A 7 -1.64 -2.52 0.36
CB DAB A 7 -3.36 -0.84 -2.22
CG DAB A 7 -2.07 -0.17 -2.66
ND DAB A 7 -1.02 -1.13 -3.01
H DAB A 7 -1.98 -0.06 0.26
HA DAB A 7 -4.37 -1.56 -0.48
HB2 DAB A 7 -4.16 -0.14 -2.36
HB3 DAB A 7 -3.53 -1.70 -2.85
HG2 DAB A 7 -1.71 0.45 -1.85
HG3 DAB A 7 -2.28 0.44 -3.51
HD1 DAB A 7 -0.82 -1.84 -2.36
N SER A 8 -2.69 -3.54 -1.35
CA SER A 8 -1.89 -4.77 -1.30
C SER A 8 -0.40 -4.45 -1.21
N MET A 9 0.31 -5.14 -0.33
CA MET A 9 1.75 -4.98 -0.24
C MET A 9 2.40 -5.70 -1.40
N THR A 10 1.65 -6.61 -1.99
CA THR A 10 2.09 -7.37 -3.16
C THR A 10 2.02 -6.51 -4.42
N GLU A 11 1.37 -5.34 -4.30
CA GLU A 11 1.30 -4.41 -5.41
C GLU A 11 2.66 -3.75 -5.62
N PHE A 12 3.50 -3.83 -4.60
CA PHE A 12 4.83 -3.23 -4.64
C PHE A 12 5.86 -4.24 -5.14
N TYR A 13 5.51 -5.00 -6.15
CA TYR A 13 6.42 -5.97 -6.72
C TYR A 13 7.41 -5.26 -7.65
N HIS A 14 8.55 -5.90 -7.89
CA HIS A 14 9.64 -5.31 -8.67
C HIS A 14 10.11 -4.01 -8.04
N GLY A 1 -6.17 7.54 11.18
CA GLY A 1 -5.74 8.89 10.77
C GLY A 1 -6.20 9.23 9.37
N ARG A 2 -5.94 10.46 8.94
CA ARG A 2 -6.36 10.91 7.61
C ARG A 2 -5.51 10.27 6.52
N LYS A 3 -4.30 9.87 6.87
CA LYS A 3 -3.41 9.21 5.94
C LYS A 3 -3.85 7.77 5.73
N ARG A 4 -3.93 7.36 4.47
CA ARG A 4 -4.44 6.05 4.13
C ARG A 4 -3.39 4.97 4.34
N ARG A 5 -3.84 3.78 4.69
CA ARG A 5 -2.96 2.64 4.88
C ARG A 5 -3.28 1.58 3.83
N GLN A 6 -2.68 0.40 3.97
CA GLN A 6 -2.81 -0.66 2.97
C GLN A 6 -2.33 -0.18 1.61
N DAB A 7 -1.02 -0.28 1.41
CA DAB A 7 -0.39 0.21 0.18
C DAB A 7 -0.52 -0.79 -0.96
O DAB A 7 0.11 -0.63 -2.01
CB DAB A 7 1.09 0.54 0.45
CG DAB A 7 1.92 -0.65 0.89
ND DAB A 7 2.24 -1.53 -0.23
H DAB A 7 -0.46 -0.69 2.10
HA DAB A 7 -0.89 1.12 -0.10
HB2 DAB A 7 1.14 1.29 1.23
HB3 DAB A 7 1.52 0.94 -0.45
HG2 DAB A 7 1.37 -1.21 1.63
HG3 DAB A 7 2.84 -0.28 1.32
HD1 DAB A 7 1.49 -1.98 -0.68
N SER A 8 -1.34 -1.82 -0.73
CA SER A 8 -1.67 -2.87 -1.70
C SER A 8 -0.55 -3.90 -1.79
N MET A 9 -0.95 -5.15 -2.01
CA MET A 9 0.00 -6.23 -2.20
C MET A 9 0.70 -6.09 -3.54
N THR A 10 0.18 -5.19 -4.38
CA THR A 10 0.69 -5.00 -5.71
C THR A 10 2.00 -4.21 -5.69
N GLU A 11 2.27 -3.58 -4.56
CA GLU A 11 3.52 -2.83 -4.41
C GLU A 11 4.70 -3.78 -4.28
N PHE A 12 4.40 -5.02 -3.90
CA PHE A 12 5.43 -6.03 -3.69
C PHE A 12 5.66 -6.82 -4.97
N TYR A 13 5.01 -6.41 -6.05
CA TYR A 13 5.17 -7.08 -7.33
C TYR A 13 6.46 -6.62 -7.99
N HIS A 14 7.42 -7.52 -8.09
CA HIS A 14 8.68 -7.23 -8.73
C HIS A 14 8.57 -7.45 -10.23
N GLY A 1 -2.67 12.17 7.98
CA GLY A 1 -2.25 11.50 9.24
C GLY A 1 -2.93 10.16 9.43
N ARG A 2 -4.22 10.20 9.76
CA ARG A 2 -4.99 8.98 9.98
C ARG A 2 -5.75 8.61 8.71
N LYS A 3 -5.08 8.71 7.58
CA LYS A 3 -5.65 8.31 6.31
C LYS A 3 -4.64 7.43 5.59
N ARG A 4 -4.02 6.53 6.35
CA ARG A 4 -3.03 5.63 5.80
C ARG A 4 -3.71 4.52 5.01
N ARG A 5 -3.78 4.71 3.71
CA ARG A 5 -4.38 3.73 2.82
C ARG A 5 -3.29 2.87 2.20
N GLN A 6 -2.94 1.80 2.88
CA GLN A 6 -1.93 0.88 2.40
C GLN A 6 -2.52 -0.05 1.34
N DAB A 7 -2.04 0.07 0.12
CA DAB A 7 -2.54 -0.77 -0.97
C DAB A 7 -1.77 -2.07 -1.04
O DAB A 7 -0.89 -2.32 -0.21
CB DAB A 7 -2.51 -0.02 -2.30
CG DAB A 7 -1.16 0.56 -2.68
ND DAB A 7 -0.24 -0.43 -3.24
H DAB A 7 -1.32 0.71 -0.06
HA DAB A 7 -3.56 -1.00 -0.74
HB2 DAB A 7 -3.23 0.79 -2.26
HB3 DAB A 7 -2.81 -0.70 -3.09
HG2 DAB A 7 -0.71 0.99 -1.79
HG3 DAB A 7 -1.33 1.34 -3.41
HD1 DAB A 7 -0.09 -1.25 -2.74
N SER A 8 -2.11 -2.89 -2.03
CA SER A 8 -1.47 -4.19 -2.23
C SER A 8 0.04 -4.09 -2.12
N MET A 9 0.64 -5.02 -1.39
CA MET A 9 2.08 -5.11 -1.31
C MET A 9 2.65 -5.58 -2.63
N THR A 10 1.86 -6.36 -3.37
CA THR A 10 2.29 -6.85 -4.67
C THR A 10 2.15 -5.78 -5.75
N GLU A 11 1.65 -4.60 -5.36
CA GLU A 11 1.67 -3.47 -6.28
C GLU A 11 3.09 -2.93 -6.38
N PHE A 12 3.84 -3.11 -5.29
CA PHE A 12 5.23 -2.67 -5.23
C PHE A 12 6.15 -3.81 -5.62
N TYR A 13 6.01 -4.93 -4.92
CA TYR A 13 6.85 -6.10 -5.13
C TYR A 13 6.35 -6.92 -6.31
N HIS A 14 6.94 -8.10 -6.49
CA HIS A 14 6.59 -8.97 -7.60
C HIS A 14 6.75 -10.41 -7.16
N GLY A 1 2.55 7.97 4.81
CA GLY A 1 1.68 8.17 5.99
C GLY A 1 0.22 7.95 5.68
N ARG A 2 -0.47 7.26 6.58
CA ARG A 2 -1.90 6.98 6.44
C ARG A 2 -2.15 6.05 5.26
N LYS A 3 -2.11 4.75 5.52
CA LYS A 3 -2.28 3.75 4.47
C LYS A 3 -3.46 2.84 4.77
N ARG A 4 -4.63 3.44 4.97
CA ARG A 4 -5.82 2.65 5.27
C ARG A 4 -6.63 2.38 3.99
N ARG A 5 -6.50 3.28 3.03
CA ARG A 5 -7.19 3.11 1.75
C ARG A 5 -6.33 2.29 0.79
N GLN A 6 -5.06 2.18 1.12
CA GLN A 6 -4.11 1.50 0.26
C GLN A 6 -3.21 0.58 1.08
N DAB A 7 -3.13 -0.68 0.65
CA DAB A 7 -2.30 -1.67 1.34
C DAB A 7 -0.85 -1.58 0.91
O DAB A 7 -0.16 -2.59 0.77
CB DAB A 7 -2.86 -3.09 1.09
CG DAB A 7 -3.15 -3.40 -0.37
ND DAB A 7 -1.93 -3.49 -1.17
H DAB A 7 -3.63 -0.94 -0.14
HA DAB A 7 -2.36 -1.47 2.39
HB2 DAB A 7 -3.78 -3.20 1.65
HB3 DAB A 7 -2.15 -3.80 1.46
HG2 DAB A 7 -3.78 -2.62 -0.77
HG3 DAB A 7 -3.66 -4.34 -0.41
HD1 DAB A 7 -1.29 -2.75 -1.11
N SER A 8 -0.38 -0.34 0.72
CA SER A 8 0.95 -0.03 0.20
C SER A 8 1.06 -0.39 -1.28
N MET A 9 1.71 0.48 -2.04
CA MET A 9 1.97 0.22 -3.44
C MET A 9 3.04 -0.84 -3.59
N THR A 10 3.62 -1.26 -2.48
CA THR A 10 4.68 -2.24 -2.48
C THR A 10 4.10 -3.63 -2.73
N GLU A 11 2.81 -3.78 -2.47
CA GLU A 11 2.14 -5.05 -2.67
C GLU A 11 1.96 -5.34 -4.17
N PHE A 12 2.15 -4.32 -4.99
CA PHE A 12 2.02 -4.47 -6.43
C PHE A 12 3.34 -4.93 -7.03
N TYR A 13 4.41 -4.73 -6.29
CA TYR A 13 5.73 -5.17 -6.72
C TYR A 13 5.93 -6.64 -6.40
N HIS A 14 4.96 -7.21 -5.69
CA HIS A 14 4.91 -8.64 -5.38
C HIS A 14 6.11 -9.04 -4.53
N GLY A 1 -0.34 7.37 10.38
CA GLY A 1 -1.26 8.10 9.48
C GLY A 1 -2.71 7.92 9.87
N ARG A 2 -3.43 9.02 10.01
CA ARG A 2 -4.83 8.99 10.36
C ARG A 2 -5.68 8.52 9.18
N LYS A 3 -5.42 9.10 8.03
CA LYS A 3 -6.10 8.73 6.81
C LYS A 3 -5.18 7.83 5.99
N ARG A 4 -5.33 6.53 6.15
CA ARG A 4 -4.40 5.58 5.54
C ARG A 4 -5.12 4.69 4.53
N ARG A 5 -4.92 4.97 3.25
CA ARG A 5 -5.41 4.12 2.19
C ARG A 5 -4.23 3.55 1.41
N GLN A 6 -3.87 2.31 1.72
CA GLN A 6 -2.73 1.67 1.09
C GLN A 6 -3.04 0.23 0.72
N DAB A 7 -2.34 -0.27 -0.28
CA DAB A 7 -2.48 -1.66 -0.70
C DAB A 7 -1.12 -2.34 -0.73
O DAB A 7 -0.95 -3.39 -1.34
CB DAB A 7 -3.18 -1.74 -2.07
CG DAB A 7 -2.44 -1.04 -3.20
ND DAB A 7 -1.28 -1.81 -3.65
H DAB A 7 -1.71 0.31 -0.77
HA DAB A 7 -3.10 -2.15 0.03
HB2 DAB A 7 -4.16 -1.29 -1.98
HB3 DAB A 7 -3.30 -2.78 -2.33
HG2 DAB A 7 -2.12 -0.07 -2.85
HG3 DAB A 7 -3.12 -0.92 -4.02
HD1 DAB A 7 -0.56 -1.94 -3.01
N SER A 8 -0.16 -1.68 -0.07
CA SER A 8 1.24 -2.11 -0.03
C SER A 8 1.91 -1.93 -1.39
N MET A 9 3.17 -1.54 -1.36
CA MET A 9 3.97 -1.43 -2.59
C MET A 9 4.28 -2.82 -3.11
N THR A 10 3.96 -3.83 -2.29
CA THR A 10 4.27 -5.20 -2.62
C THR A 10 3.27 -5.75 -3.64
N GLU A 11 2.22 -4.99 -3.89
CA GLU A 11 1.25 -5.38 -4.90
C GLU A 11 1.83 -5.22 -6.30
N PHE A 12 2.83 -4.36 -6.40
CA PHE A 12 3.52 -4.13 -7.67
C PHE A 12 4.71 -5.08 -7.78
N TYR A 13 5.29 -5.39 -6.64
CA TYR A 13 6.46 -6.26 -6.58
C TYR A 13 6.04 -7.71 -6.77
N HIS A 14 6.74 -8.43 -7.64
CA HIS A 14 6.40 -9.81 -7.93
C HIS A 14 6.96 -10.73 -6.85
#